data_6CHV
#
_entry.id   6CHV
#
_cell.length_a   79.449
_cell.length_b   79.449
_cell.length_c   399.427
_cell.angle_alpha   90.000
_cell.angle_beta   90.000
_cell.angle_gamma   120.000
#
_symmetry.space_group_name_H-M   'P 65'
#
loop_
_entity.id
_entity.type
_entity.pdbx_description
1 polymer 'Antitoxin HigA'
2 polymer pHigCryst3
3 polymer pHigCryst4
4 non-polymer 'MAGNESIUM ION'
5 water water
#
loop_
_entity_poly.entity_id
_entity_poly.type
_entity_poly.pdbx_seq_one_letter_code
_entity_poly.pdbx_strand_id
1 'polypeptide(L)'
;GSHMASMTGGQQMGRGSMRQFKVSHPGEMIARDLEDMGVSGRRFAHNIGVTPATVSRLLAGKTALTPSLSIRIAAALGST
PEFWLRLQSNYDLRQLENQIDTSGIVLYGESNEQQQNAQEH
;
A,C,B,D,G,H
2 'polydeoxyribonucleotide'
;(DG)(DT)(DA)(DT)(DT)(DA)(DC)(DA)(DC)(DA)(DC)(DC)(DA)(DT)(DG)(DT)(DA)(DA)(DT)(DA)
(DC)
;
I,E,K
3 'polydeoxyribonucleotide'
;(DG)(DT)(DA)(DT)(DT)(DA)(DC)(DA)(DT)(DG)(DG)(DT)(DG)(DT)(DG)(DT)(DA)(DA)(DT)(DA)
(DC)
;
J,F,L
#
# COMPACT_ATOMS: atom_id res chain seq x y z
N PHE A 21 22.14 7.83 -3.83
CA PHE A 21 22.82 8.88 -3.06
C PHE A 21 22.26 8.88 -1.64
N LYS A 22 22.03 10.06 -1.07
CA LYS A 22 21.38 10.14 0.23
C LYS A 22 19.89 9.84 0.09
N VAL A 23 19.40 8.91 0.91
CA VAL A 23 18.01 8.49 0.87
C VAL A 23 17.30 9.06 2.09
N SER A 24 15.97 9.07 2.03
CA SER A 24 15.15 9.60 3.11
C SER A 24 14.67 8.46 4.00
N HIS A 25 14.83 8.63 5.31
CA HIS A 25 14.45 7.78 6.41
C HIS A 25 13.19 8.31 7.08
N PRO A 26 12.40 7.44 7.71
CA PRO A 26 11.10 7.88 8.28
C PRO A 26 11.22 8.85 9.43
N GLY A 27 12.43 9.06 9.98
CA GLY A 27 12.58 10.05 11.03
C GLY A 27 12.39 11.47 10.55
N GLU A 28 12.71 11.74 9.27
CA GLU A 28 12.53 13.08 8.72
C GLU A 28 11.07 13.50 8.75
N MET A 29 10.15 12.54 8.63
CA MET A 29 8.73 12.84 8.65
C MET A 29 8.22 13.15 10.06
N ILE A 30 8.76 12.44 11.07
CA ILE A 30 8.47 12.81 12.45
C ILE A 30 8.95 14.23 12.72
N ALA A 31 10.11 14.59 12.16
CA ALA A 31 10.68 15.91 12.41
C ALA A 31 9.81 17.01 11.83
N ARG A 32 9.36 16.86 10.57
CA ARG A 32 8.55 17.90 9.96
C ARG A 32 7.24 18.11 10.71
N ASP A 33 6.68 17.05 11.30
CA ASP A 33 5.49 17.23 12.12
C ASP A 33 5.80 17.96 13.42
N LEU A 34 6.98 17.76 13.99
CA LEU A 34 7.32 18.45 15.22
C LEU A 34 7.65 19.92 14.96
N GLU A 35 8.33 20.19 13.84
CA GLU A 35 8.68 21.57 13.50
C GLU A 35 7.44 22.38 13.17
N ASP A 36 6.46 21.77 12.51
CA ASP A 36 5.20 22.45 12.20
C ASP A 36 4.41 22.79 13.46
N MET A 37 4.68 22.13 14.57
CA MET A 37 3.96 22.35 15.81
C MET A 37 4.81 23.05 16.88
N GLY A 38 6.06 23.35 16.58
CA GLY A 38 6.93 23.98 17.55
C GLY A 38 7.28 23.13 18.75
N VAL A 39 7.16 21.81 18.62
CA VAL A 39 7.43 20.89 19.73
C VAL A 39 8.87 20.39 19.57
N SER A 40 9.69 20.63 20.58
CA SER A 40 11.09 20.23 20.52
C SER A 40 11.20 18.71 20.60
N GLY A 41 12.41 18.22 20.32
CA GLY A 41 12.66 16.79 20.48
C GLY A 41 12.68 16.35 21.93
N ARG A 42 12.90 17.28 22.86
CA ARG A 42 13.01 16.89 24.26
C ARG A 42 11.64 16.77 24.91
N ARG A 43 10.68 17.62 24.54
CA ARG A 43 9.32 17.44 25.04
C ARG A 43 8.64 16.25 24.37
N PHE A 44 8.88 16.05 23.06
CA PHE A 44 8.28 14.92 22.37
C PHE A 44 8.74 13.60 22.97
N ALA A 45 10.01 13.52 23.36
CA ALA A 45 10.53 12.31 23.99
C ALA A 45 9.85 12.07 25.34
N HIS A 46 9.88 13.06 26.22
CA HIS A 46 9.22 12.95 27.52
C HIS A 46 7.74 12.60 27.37
N ASN A 47 7.09 13.09 26.32
CA ASN A 47 5.68 12.83 26.13
C ASN A 47 5.42 11.34 25.85
N ILE A 48 6.13 10.77 24.88
CA ILE A 48 5.92 9.37 24.51
C ILE A 48 6.56 8.39 25.48
N GLY A 49 7.16 8.86 26.56
CA GLY A 49 7.77 7.96 27.53
C GLY A 49 9.09 7.37 27.08
N VAL A 50 9.95 8.19 26.45
CA VAL A 50 11.22 7.74 25.92
C VAL A 50 12.25 8.85 26.17
N THR A 51 13.50 8.46 26.41
CA THR A 51 14.55 9.43 26.64
C THR A 51 14.84 10.22 25.35
N PRO A 52 15.33 11.45 25.47
CA PRO A 52 15.64 12.24 24.26
C PRO A 52 16.72 11.62 23.39
N ALA A 53 17.54 10.71 23.93
CA ALA A 53 18.55 10.06 23.11
C ALA A 53 17.93 9.29 21.96
N THR A 54 16.85 8.55 22.24
CA THR A 54 16.24 7.70 21.23
C THR A 54 15.55 8.53 20.15
N VAL A 55 14.89 9.62 20.54
CA VAL A 55 14.20 10.47 19.58
C VAL A 55 15.20 11.12 18.63
N SER A 56 16.34 11.58 19.16
CA SER A 56 17.38 12.14 18.31
C SER A 56 17.90 11.09 17.33
N ARG A 57 18.08 9.86 17.78
CA ARG A 57 18.53 8.78 16.94
C ARG A 57 17.47 8.42 15.91
N LEU A 58 16.25 8.37 16.36
CA LEU A 58 15.16 8.09 15.44
C LEU A 58 15.06 9.14 14.34
N LEU A 59 14.97 10.41 14.73
CA LEU A 59 14.77 11.49 13.75
C LEU A 59 15.95 11.62 12.79
N ALA A 60 17.14 11.20 13.20
CA ALA A 60 18.31 11.27 12.35
C ALA A 60 18.48 10.05 11.46
N GLY A 61 17.78 8.96 11.75
CA GLY A 61 17.92 7.74 10.99
C GLY A 61 18.93 6.76 11.53
N LYS A 62 19.56 7.07 12.67
CA LYS A 62 20.52 6.15 13.28
C LYS A 62 19.86 4.82 13.62
N THR A 63 18.69 4.87 14.24
CA THR A 63 17.97 3.68 14.66
C THR A 63 16.61 3.61 13.95
N ALA A 64 15.94 2.47 14.10
CA ALA A 64 14.74 2.16 13.35
C ALA A 64 13.49 2.52 14.14
N LEU A 65 12.40 2.72 13.41
CA LEU A 65 11.10 3.00 14.01
C LEU A 65 10.48 1.66 14.37
N THR A 66 10.75 1.22 15.60
CA THR A 66 10.31 -0.10 16.05
C THR A 66 8.79 -0.12 16.20
N PRO A 67 8.18 -1.32 16.20
CA PRO A 67 6.72 -1.39 16.40
C PRO A 67 6.25 -0.75 17.69
N SER A 68 7.02 -0.88 18.77
CA SER A 68 6.61 -0.26 20.02
C SER A 68 6.66 1.26 19.93
N LEU A 69 7.62 1.81 19.19
CA LEU A 69 7.65 3.26 18.98
C LEU A 69 6.50 3.70 18.09
N SER A 70 6.13 2.89 17.09
CA SER A 70 4.99 3.23 16.26
C SER A 70 3.70 3.30 17.06
N ILE A 71 3.65 2.65 18.22
CA ILE A 71 2.47 2.71 19.08
C ILE A 71 2.42 4.03 19.85
N ARG A 72 3.55 4.48 20.39
CA ARG A 72 3.53 5.76 21.10
C ARG A 72 3.36 6.92 20.12
N ILE A 73 4.08 6.87 18.99
CA ILE A 73 3.97 7.92 17.97
C ILE A 73 2.53 8.06 17.50
N ALA A 74 1.82 6.93 17.34
CA ALA A 74 0.43 7.00 16.92
C ALA A 74 -0.43 7.75 17.94
N ALA A 75 -0.12 7.63 19.23
CA ALA A 75 -0.88 8.30 20.27
C ALA A 75 -0.46 9.75 20.46
N ALA A 76 0.55 10.21 19.72
CA ALA A 76 1.01 11.60 19.81
C ALA A 76 0.84 12.37 18.51
N LEU A 77 0.91 11.72 17.36
CA LEU A 77 0.82 12.40 16.07
C LEU A 77 -0.44 12.04 15.30
N GLY A 78 -1.29 11.16 15.83
CA GLY A 78 -2.66 11.04 15.36
C GLY A 78 -2.89 10.25 14.10
N SER A 79 -2.20 9.13 13.92
CA SER A 79 -2.49 8.20 12.83
C SER A 79 -2.46 6.79 13.39
N THR A 80 -2.63 5.81 12.51
CA THR A 80 -2.64 4.42 12.96
C THR A 80 -1.22 3.98 13.29
N PRO A 81 -1.05 3.07 14.26
CA PRO A 81 0.29 2.53 14.53
C PRO A 81 0.87 1.79 13.35
N GLU A 82 0.03 1.14 12.53
CA GLU A 82 0.51 0.48 11.32
C GLU A 82 1.08 1.49 10.33
N PHE A 83 0.55 2.72 10.33
CA PHE A 83 1.03 3.73 9.40
C PHE A 83 2.50 4.07 9.65
N TRP A 84 2.86 4.32 10.91
CA TRP A 84 4.23 4.71 11.19
C TRP A 84 5.17 3.51 11.09
N LEU A 85 4.67 2.31 11.38
CA LEU A 85 5.50 1.12 11.24
C LEU A 85 5.71 0.76 9.77
N ARG A 86 4.72 1.02 8.92
CA ARG A 86 4.89 0.75 7.48
C ARG A 86 6.04 1.56 6.90
N LEU A 87 6.23 2.79 7.38
CA LEU A 87 7.33 3.61 6.87
C LEU A 87 8.68 2.93 7.07
N GLN A 88 8.83 2.21 8.18
CA GLN A 88 10.09 1.50 8.44
C GLN A 88 10.18 0.20 7.65
N SER A 89 9.04 -0.48 7.43
CA SER A 89 9.03 -1.70 6.65
C SER A 89 9.41 -1.43 5.20
N ASN A 90 8.85 -0.37 4.61
CA ASN A 90 9.20 -0.03 3.24
C ASN A 90 10.65 0.43 3.14
N TYR A 91 11.12 1.19 4.13
CA TYR A 91 12.52 1.59 4.16
C TYR A 91 13.44 0.39 4.16
N ASP A 92 13.13 -0.62 4.98
CA ASP A 92 13.97 -1.82 5.01
C ASP A 92 13.94 -2.56 3.68
N LEU A 93 12.75 -2.68 3.08
CA LEU A 93 12.66 -3.40 1.81
C LEU A 93 13.39 -2.67 0.70
N ARG A 94 13.31 -1.34 0.66
CA ARG A 94 14.01 -0.59 -0.38
C ARG A 94 15.52 -0.79 -0.28
N GLN A 95 16.02 -1.05 0.93
CA GLN A 95 17.44 -1.30 1.13
C GLN A 95 17.80 -2.74 0.73
N LEU A 96 17.00 -3.70 1.17
CA LEU A 96 17.37 -5.11 1.04
C LEU A 96 17.11 -5.66 -0.35
N GLU A 97 16.12 -5.12 -1.07
CA GLU A 97 15.83 -5.66 -2.40
C GLU A 97 16.97 -5.46 -3.38
N ASN A 98 17.86 -4.51 -3.12
CA ASN A 98 19.07 -4.34 -3.92
C ASN A 98 20.21 -5.26 -3.47
N GLN A 99 20.07 -5.94 -2.33
CA GLN A 99 21.14 -6.72 -1.74
C GLN A 99 20.89 -8.22 -1.82
N ILE A 100 19.65 -8.66 -1.66
CA ILE A 100 19.31 -10.08 -1.65
C ILE A 100 19.04 -10.53 -3.07
N ASP A 101 19.76 -11.55 -3.52
CA ASP A 101 19.59 -12.10 -4.87
C ASP A 101 18.56 -13.23 -4.83
N THR A 102 17.54 -13.14 -5.69
CA THR A 102 16.46 -14.12 -5.73
C THR A 102 16.48 -14.94 -7.02
N SER A 103 17.59 -14.94 -7.75
CA SER A 103 17.66 -15.72 -8.98
C SER A 103 17.61 -17.21 -8.71
N GLY A 104 18.24 -17.65 -7.61
CA GLY A 104 18.28 -19.07 -7.29
C GLY A 104 17.05 -19.63 -6.63
N ILE A 105 16.06 -18.78 -6.33
CA ILE A 105 14.86 -19.22 -5.65
C ILE A 105 13.81 -19.58 -6.70
N VAL A 106 13.20 -20.75 -6.54
CA VAL A 106 12.26 -21.28 -7.51
C VAL A 106 10.84 -20.93 -7.07
N LEU A 107 10.07 -20.35 -7.99
CA LEU A 107 8.65 -20.13 -7.76
C LEU A 107 7.88 -21.44 -7.92
N TYR A 108 7.11 -21.80 -6.91
CA TYR A 108 6.37 -23.05 -6.93
C TYR A 108 5.14 -22.93 -7.83
N GLY A 109 4.64 -24.08 -8.26
CA GLY A 109 3.48 -24.12 -9.15
C GLY A 109 2.19 -23.66 -8.50
N PHE B 21 -10.16 -9.61 15.90
CA PHE B 21 -9.93 -10.60 14.85
C PHE B 21 -8.64 -11.39 15.10
N LYS B 22 -8.69 -12.68 14.76
CA LYS B 22 -7.64 -13.61 15.18
C LYS B 22 -6.36 -13.38 14.39
N VAL B 23 -5.25 -13.28 15.11
CA VAL B 23 -3.94 -13.04 14.51
C VAL B 23 -3.08 -14.25 14.86
N SER B 24 -2.98 -15.19 13.93
CA SER B 24 -2.08 -16.33 14.11
C SER B 24 -0.66 -15.92 13.76
N HIS B 25 0.27 -16.83 14.04
CA HIS B 25 1.64 -16.62 13.61
C HIS B 25 1.70 -16.66 12.08
N PRO B 26 2.65 -15.93 11.48
CA PRO B 26 2.81 -16.03 10.02
C PRO B 26 3.26 -17.41 9.58
N GLY B 27 3.87 -18.19 10.47
CA GLY B 27 4.33 -19.53 10.10
C GLY B 27 3.21 -20.51 9.82
N GLU B 28 2.02 -20.28 10.40
CA GLU B 28 0.91 -21.20 10.16
C GLU B 28 0.47 -21.15 8.71
N MET B 29 0.46 -19.97 8.10
CA MET B 29 0.09 -19.86 6.69
C MET B 29 1.17 -20.45 5.80
N ILE B 30 2.44 -20.16 6.11
CA ILE B 30 3.54 -20.74 5.34
C ILE B 30 3.53 -22.26 5.47
N ALA B 31 3.19 -22.78 6.66
CA ALA B 31 3.15 -24.22 6.87
C ALA B 31 2.07 -24.88 6.03
N ARG B 32 0.89 -24.25 5.91
CA ARG B 32 -0.18 -24.85 5.14
C ARG B 32 0.10 -24.78 3.64
N ASP B 33 0.83 -23.77 3.18
CA ASP B 33 1.19 -23.71 1.77
C ASP B 33 2.19 -24.80 1.41
N LEU B 34 3.13 -25.08 2.30
CA LEU B 34 4.12 -26.12 2.02
C LEU B 34 3.51 -27.51 2.10
N GLU B 35 2.56 -27.69 3.01
CA GLU B 35 1.90 -28.96 3.15
C GLU B 35 1.07 -29.26 1.91
N ASP B 36 0.42 -28.25 1.37
CA ASP B 36 -0.43 -28.44 0.20
C ASP B 36 0.39 -28.78 -1.04
N MET B 37 1.65 -28.35 -1.09
CA MET B 37 2.49 -28.57 -2.26
C MET B 37 3.41 -29.77 -2.13
N GLY B 38 3.47 -30.40 -0.95
CA GLY B 38 4.39 -31.49 -0.72
C GLY B 38 5.80 -31.08 -0.41
N VAL B 39 6.05 -29.79 -0.22
CA VAL B 39 7.40 -29.29 0.06
C VAL B 39 7.69 -29.45 1.55
N SER B 40 8.85 -30.03 1.86
CA SER B 40 9.25 -30.22 3.24
C SER B 40 10.00 -29.00 3.76
N GLY B 41 10.32 -29.03 5.05
CA GLY B 41 11.04 -27.92 5.65
C GLY B 41 12.45 -27.77 5.07
N ARG B 42 13.18 -28.87 4.97
CA ARG B 42 14.55 -28.80 4.47
C ARG B 42 14.58 -28.39 3.00
N ARG B 43 13.64 -28.89 2.19
CA ARG B 43 13.57 -28.46 0.81
C ARG B 43 13.30 -26.98 0.69
N PHE B 44 12.25 -26.50 1.38
CA PHE B 44 11.93 -25.08 1.34
C PHE B 44 13.08 -24.24 1.87
N ALA B 45 13.77 -24.73 2.91
CA ALA B 45 14.92 -24.00 3.43
C ALA B 45 16.01 -23.88 2.37
N HIS B 46 16.34 -25.00 1.71
CA HIS B 46 17.37 -24.98 0.68
C HIS B 46 17.02 -24.06 -0.48
N ASN B 47 15.72 -23.94 -0.80
CA ASN B 47 15.32 -23.13 -1.94
C ASN B 47 15.59 -21.65 -1.70
N ILE B 48 15.23 -21.16 -0.51
CA ILE B 48 15.29 -19.71 -0.25
C ILE B 48 16.62 -19.25 0.30
N GLY B 49 17.48 -20.16 0.75
CA GLY B 49 18.81 -19.80 1.19
C GLY B 49 19.04 -19.73 2.69
N VAL B 50 18.21 -20.40 3.49
CA VAL B 50 18.40 -20.44 4.94
C VAL B 50 18.44 -21.90 5.37
N THR B 51 19.00 -22.13 6.56
CA THR B 51 19.11 -23.48 7.10
C THR B 51 17.73 -23.97 7.53
N PRO B 52 17.56 -25.30 7.60
CA PRO B 52 16.27 -25.84 8.07
C PRO B 52 15.94 -25.43 9.50
N ALA B 53 16.94 -25.10 10.32
CA ALA B 53 16.66 -24.60 11.66
C ALA B 53 15.86 -23.31 11.61
N THR B 54 16.18 -22.44 10.64
CA THR B 54 15.45 -21.18 10.51
C THR B 54 14.00 -21.41 10.11
N VAL B 55 13.77 -22.30 9.13
CA VAL B 55 12.41 -22.57 8.68
C VAL B 55 11.59 -23.22 9.79
N SER B 56 12.21 -24.12 10.56
CA SER B 56 11.52 -24.73 11.68
C SER B 56 11.08 -23.69 12.70
N ARG B 57 12.01 -22.85 13.10
CA ARG B 57 11.74 -21.80 14.05
C ARG B 57 10.67 -20.85 13.53
N LEU B 58 10.73 -20.52 12.28
CA LEU B 58 9.75 -19.62 11.68
C LEU B 58 8.36 -20.22 11.73
N LEU B 59 8.22 -21.49 11.32
CA LEU B 59 6.91 -22.12 11.25
C LEU B 59 6.30 -22.29 12.63
N ALA B 60 7.13 -22.64 13.63
CA ALA B 60 6.64 -22.83 14.99
C ALA B 60 6.30 -21.51 15.67
N GLY B 61 6.60 -20.37 15.05
CA GLY B 61 6.33 -19.08 15.64
C GLY B 61 7.35 -18.61 16.66
N LYS B 62 8.43 -19.36 16.82
CA LYS B 62 9.48 -18.99 17.78
C LYS B 62 10.25 -17.75 17.37
N THR B 63 10.42 -17.56 16.05
CA THR B 63 11.15 -16.42 15.53
C THR B 63 10.23 -15.62 14.62
N ALA B 64 10.67 -14.42 14.27
CA ALA B 64 9.88 -13.48 13.50
C ALA B 64 10.18 -13.59 12.02
N LEU B 65 9.21 -13.18 11.21
CA LEU B 65 9.38 -13.11 9.76
C LEU B 65 10.06 -11.78 9.45
N THR B 66 11.38 -11.79 9.31
CA THR B 66 12.14 -10.57 9.09
C THR B 66 11.88 -10.04 7.68
N PRO B 67 12.26 -8.80 7.41
CA PRO B 67 12.15 -8.30 6.01
C PRO B 67 13.01 -9.09 5.04
N SER B 68 14.13 -9.66 5.49
CA SER B 68 14.94 -10.49 4.60
C SER B 68 14.18 -11.73 4.17
N LEU B 69 13.54 -12.42 5.12
CA LEU B 69 12.79 -13.61 4.77
C LEU B 69 11.60 -13.29 3.87
N SER B 70 10.97 -12.12 4.06
CA SER B 70 9.80 -11.78 3.25
C SER B 70 10.16 -11.68 1.78
N ILE B 71 11.37 -11.22 1.46
CA ILE B 71 11.80 -11.18 0.07
C ILE B 71 12.05 -12.59 -0.45
N ARG B 72 12.71 -13.43 0.36
CA ARG B 72 12.99 -14.80 -0.05
C ARG B 72 11.71 -15.62 -0.15
N ILE B 73 10.76 -15.38 0.77
CA ILE B 73 9.52 -16.14 0.77
C ILE B 73 8.67 -15.77 -0.44
N ALA B 74 8.63 -14.48 -0.79
CA ALA B 74 7.83 -14.06 -1.94
C ALA B 74 8.40 -14.59 -3.25
N ALA B 75 9.71 -14.84 -3.30
CA ALA B 75 10.30 -15.40 -4.52
C ALA B 75 9.93 -16.87 -4.69
N ALA B 76 9.65 -17.58 -3.60
CA ALA B 76 9.26 -18.98 -3.64
C ALA B 76 7.76 -19.19 -3.57
N LEU B 77 7.04 -18.43 -2.74
CA LEU B 77 5.61 -18.63 -2.54
C LEU B 77 4.75 -17.64 -3.33
N GLY B 78 5.34 -16.60 -3.89
CA GLY B 78 4.77 -15.93 -5.04
C GLY B 78 3.78 -14.82 -4.80
N SER B 79 3.78 -14.20 -3.63
CA SER B 79 2.96 -13.02 -3.37
C SER B 79 3.87 -11.78 -3.45
N THR B 80 3.90 -10.91 -2.45
CA THR B 80 4.82 -9.79 -2.42
C THR B 80 5.53 -9.75 -1.08
N PRO B 81 6.75 -9.23 -1.03
CA PRO B 81 7.41 -9.07 0.28
C PRO B 81 6.61 -8.23 1.26
N GLU B 82 5.88 -7.22 0.76
CA GLU B 82 5.00 -6.45 1.63
C GLU B 82 3.94 -7.34 2.27
N PHE B 83 3.36 -8.26 1.49
CA PHE B 83 2.35 -9.17 2.04
C PHE B 83 2.90 -9.96 3.21
N TRP B 84 3.98 -10.70 3.00
CA TRP B 84 4.49 -11.58 4.05
C TRP B 84 4.98 -10.77 5.24
N LEU B 85 5.57 -9.60 5.00
CA LEU B 85 6.08 -8.80 6.10
C LEU B 85 4.94 -8.15 6.89
N ARG B 86 3.82 -7.86 6.23
CA ARG B 86 2.69 -7.24 6.91
C ARG B 86 1.98 -8.24 7.83
N LEU B 87 2.07 -9.53 7.53
CA LEU B 87 1.55 -10.53 8.46
C LEU B 87 2.32 -10.51 9.78
N GLN B 88 3.62 -10.25 9.73
CA GLN B 88 4.41 -10.19 10.95
C GLN B 88 4.22 -8.87 11.69
N SER B 89 4.01 -7.77 10.96
CA SER B 89 3.77 -6.48 11.61
C SER B 89 2.45 -6.49 12.36
N ASN B 90 1.42 -7.12 11.79
CA ASN B 90 0.15 -7.23 12.51
C ASN B 90 0.28 -8.12 13.74
N TYR B 91 1.12 -9.16 13.66
CA TYR B 91 1.35 -10.00 14.83
C TYR B 91 2.09 -9.24 15.93
N ASP B 92 3.15 -8.52 15.55
CA ASP B 92 3.96 -7.82 16.55
C ASP B 92 3.18 -6.70 17.22
N LEU B 93 2.38 -5.96 16.45
CA LEU B 93 1.60 -4.87 17.04
C LEU B 93 0.51 -5.42 17.97
N ARG B 94 -0.22 -6.44 17.53
CA ARG B 94 -1.26 -7.03 18.37
C ARG B 94 -0.70 -7.51 19.70
N GLN B 95 0.51 -8.08 19.70
CA GLN B 95 1.10 -8.51 20.96
C GLN B 95 1.47 -7.32 21.84
N LEU B 96 1.78 -6.18 21.24
CA LEU B 96 2.18 -4.99 21.97
C LEU B 96 1.03 -4.04 22.27
N GLU B 97 -0.14 -4.24 21.66
CA GLU B 97 -1.29 -3.40 21.96
C GLU B 97 -1.69 -3.54 23.44
N ASN B 98 -1.55 -4.73 24.00
CA ASN B 98 -1.99 -5.03 25.35
C ASN B 98 -0.93 -4.74 26.40
N GLN B 99 0.30 -4.42 25.99
CA GLN B 99 1.42 -4.26 26.92
C GLN B 99 1.90 -2.83 27.07
N ILE B 100 1.87 -2.03 26.01
CA ILE B 100 2.32 -0.65 26.08
C ILE B 100 1.23 0.19 26.75
N ASP B 101 1.60 0.90 27.82
CA ASP B 101 0.65 1.74 28.55
C ASP B 101 0.66 3.11 27.88
N THR B 102 -0.38 3.40 27.10
CA THR B 102 -0.46 4.60 26.29
C THR B 102 -1.27 5.71 26.94
N SER B 103 -1.71 5.53 28.19
CA SER B 103 -2.60 6.48 28.85
C SER B 103 -1.87 7.71 29.38
N GLY B 104 -0.60 7.91 29.06
CA GLY B 104 0.14 9.05 29.56
C GLY B 104 0.59 10.02 28.49
N ILE B 105 0.33 9.66 27.23
CA ILE B 105 0.74 10.48 26.09
C ILE B 105 -0.41 11.41 25.72
N VAL B 106 -0.09 12.64 25.34
CA VAL B 106 -1.10 13.61 24.93
C VAL B 106 -1.07 13.74 23.41
N LEU B 107 -2.25 13.76 22.80
CA LEU B 107 -2.36 13.93 21.36
C LEU B 107 -2.32 15.40 20.99
N TYR B 108 -1.61 15.70 19.90
CA TYR B 108 -1.45 17.07 19.44
C TYR B 108 -2.61 17.44 18.52
N LYS E 22 -7.10 -8.82 -16.51
CA LYS E 22 -6.47 -7.79 -17.33
C LYS E 22 -6.36 -6.45 -16.59
N VAL E 23 -5.58 -6.45 -15.53
CA VAL E 23 -5.37 -5.26 -14.70
C VAL E 23 -5.36 -3.90 -15.42
N SER E 24 -5.68 -2.86 -14.66
CA SER E 24 -5.71 -1.48 -15.13
C SER E 24 -4.33 -0.83 -15.02
N HIS E 25 -4.17 0.28 -15.74
CA HIS E 25 -2.88 0.94 -15.85
C HIS E 25 -2.48 1.56 -14.51
N PRO E 26 -1.17 1.61 -14.22
CA PRO E 26 -0.74 2.06 -12.89
C PRO E 26 -1.03 3.52 -12.59
N GLY E 27 -1.18 4.37 -13.61
CA GLY E 27 -1.42 5.78 -13.35
C GLY E 27 -2.70 6.04 -12.56
N GLU E 28 -3.73 5.21 -12.78
CA GLU E 28 -4.98 5.37 -12.06
C GLU E 28 -4.77 5.26 -10.56
N MET E 29 -3.94 4.31 -10.12
CA MET E 29 -3.69 4.18 -8.68
C MET E 29 -2.89 5.37 -8.15
N ILE E 30 -1.95 5.87 -8.94
CA ILE E 30 -1.16 7.03 -8.53
C ILE E 30 -2.05 8.26 -8.37
N ALA E 31 -2.96 8.45 -9.33
CA ALA E 31 -3.85 9.61 -9.28
C ALA E 31 -4.74 9.58 -8.04
N ARG E 32 -5.21 8.40 -7.66
CA ARG E 32 -6.06 8.29 -6.48
C ARG E 32 -5.29 8.62 -5.21
N ASP E 33 -4.00 8.31 -5.15
CA ASP E 33 -3.21 8.70 -3.98
C ASP E 33 -2.98 10.21 -3.97
N LEU E 34 -2.78 10.81 -5.14
CA LEU E 34 -2.59 12.25 -5.19
C LEU E 34 -3.86 12.99 -4.79
N GLU E 35 -5.02 12.52 -5.26
CA GLU E 35 -6.29 13.12 -4.88
C GLU E 35 -6.57 12.94 -3.39
N ASP E 36 -6.10 11.83 -2.81
CA ASP E 36 -6.30 11.59 -1.39
C ASP E 36 -5.47 12.53 -0.51
N MET E 37 -4.45 13.18 -1.08
CA MET E 37 -3.57 14.04 -0.30
C MET E 37 -3.60 15.49 -0.76
N GLY E 38 -4.51 15.85 -1.66
CA GLY E 38 -4.58 17.21 -2.15
C GLY E 38 -3.39 17.65 -2.96
N VAL E 39 -2.57 16.71 -3.43
CA VAL E 39 -1.40 17.03 -4.23
C VAL E 39 -1.80 17.02 -5.70
N SER E 40 -1.67 18.17 -6.36
CA SER E 40 -2.00 18.24 -7.77
C SER E 40 -0.93 17.53 -8.60
N GLY E 41 -1.28 17.27 -9.86
CA GLY E 41 -0.32 16.66 -10.77
C GLY E 41 0.89 17.53 -11.02
N ARG E 42 0.77 18.85 -10.83
CA ARG E 42 1.90 19.72 -11.11
C ARG E 42 2.89 19.72 -9.96
N ARG E 43 2.41 19.83 -8.71
CA ARG E 43 3.31 19.72 -7.56
C ARG E 43 3.96 18.35 -7.49
N PHE E 44 3.22 17.30 -7.87
CA PHE E 44 3.81 15.97 -7.89
C PHE E 44 4.95 15.90 -8.91
N ALA E 45 4.79 16.59 -10.04
CA ALA E 45 5.87 16.65 -11.03
C ALA E 45 7.10 17.33 -10.45
N HIS E 46 6.92 18.51 -9.86
CA HIS E 46 8.04 19.25 -9.29
C HIS E 46 8.72 18.48 -8.17
N ASN E 47 7.96 17.66 -7.43
CA ASN E 47 8.54 16.90 -6.34
C ASN E 47 9.44 15.78 -6.85
N ILE E 48 8.91 14.92 -7.72
CA ILE E 48 9.64 13.72 -8.11
C ILE E 48 10.74 14.02 -9.12
N GLY E 49 10.71 15.18 -9.78
CA GLY E 49 11.79 15.59 -10.65
C GLY E 49 11.51 15.61 -12.14
N VAL E 50 10.25 15.46 -12.55
CA VAL E 50 9.91 15.48 -13.97
C VAL E 50 8.99 16.65 -14.26
N THR E 51 8.56 16.78 -15.52
CA THR E 51 7.65 17.85 -15.92
C THR E 51 6.20 17.41 -15.73
N PRO E 52 5.27 18.37 -15.62
CA PRO E 52 3.86 18.00 -15.51
C PRO E 52 3.34 17.22 -16.72
N ALA E 53 3.96 17.39 -17.89
CA ALA E 53 3.53 16.63 -19.06
C ALA E 53 3.71 15.13 -18.85
N THR E 54 4.85 14.74 -18.27
CA THR E 54 5.11 13.33 -18.01
C THR E 54 4.13 12.77 -16.99
N VAL E 55 3.84 13.53 -15.93
CA VAL E 55 2.88 13.07 -14.92
C VAL E 55 1.50 12.92 -15.53
N SER E 56 1.10 13.86 -16.38
CA SER E 56 -0.22 13.77 -17.02
C SER E 56 -0.33 12.54 -17.90
N ARG E 57 0.70 12.28 -18.70
CA ARG E 57 0.70 11.11 -19.55
C ARG E 57 0.71 9.83 -18.72
N LEU E 58 1.51 9.84 -17.69
CA LEU E 58 1.57 8.68 -16.82
C LEU E 58 0.20 8.38 -16.22
N LEU E 59 -0.46 9.39 -15.65
CA LEU E 59 -1.73 9.18 -14.97
C LEU E 59 -2.82 8.75 -15.94
N ALA E 60 -2.85 9.34 -17.13
CA ALA E 60 -3.83 8.95 -18.13
C ALA E 60 -3.51 7.62 -18.79
N GLY E 61 -2.36 7.03 -18.47
CA GLY E 61 -1.96 5.80 -19.13
C GLY E 61 -1.42 5.96 -20.53
N LYS E 62 -1.12 7.19 -20.93
CA LYS E 62 -0.58 7.44 -22.26
C LYS E 62 0.82 6.85 -22.41
N THR E 63 1.60 6.91 -21.33
CA THR E 63 2.95 6.40 -21.31
C THR E 63 3.10 5.38 -20.17
N ALA E 64 4.21 4.66 -20.19
CA ALA E 64 4.43 3.56 -19.27
C ALA E 64 5.19 4.02 -18.03
N LEU E 65 5.12 3.20 -16.98
CA LEU E 65 5.80 3.48 -15.72
C LEU E 65 7.18 2.85 -15.80
N THR E 66 8.15 3.62 -16.32
CA THR E 66 9.50 3.13 -16.51
C THR E 66 10.16 2.79 -15.18
N PRO E 67 11.26 2.03 -15.19
CA PRO E 67 11.99 1.79 -13.94
C PRO E 67 12.49 3.07 -13.29
N SER E 68 12.87 4.08 -14.08
CA SER E 68 13.30 5.34 -13.51
C SER E 68 12.17 6.02 -12.76
N LEU E 69 10.97 6.04 -13.35
CA LEU E 69 9.82 6.61 -12.65
C LEU E 69 9.47 5.81 -11.41
N SER E 70 9.67 4.48 -11.44
CA SER E 70 9.36 3.68 -10.27
C SER E 70 10.22 4.07 -9.08
N ILE E 71 11.48 4.44 -9.32
CA ILE E 71 12.35 4.90 -8.24
C ILE E 71 11.87 6.25 -7.70
N ARG E 72 11.53 7.17 -8.61
CA ARG E 72 11.09 8.50 -8.19
C ARG E 72 9.76 8.43 -7.46
N ILE E 73 8.80 7.69 -8.03
CA ILE E 73 7.48 7.56 -7.41
C ILE E 73 7.59 6.96 -6.01
N ALA E 74 8.50 6.01 -5.83
CA ALA E 74 8.62 5.35 -4.53
C ALA E 74 9.06 6.34 -3.44
N ALA E 75 9.93 7.28 -3.80
CA ALA E 75 10.41 8.25 -2.82
C ALA E 75 9.34 9.27 -2.46
N ALA E 76 8.27 9.38 -3.25
CA ALA E 76 7.20 10.32 -3.00
C ALA E 76 5.95 9.66 -2.43
N LEU E 77 5.52 8.54 -3.01
CA LEU E 77 4.28 7.88 -2.61
C LEU E 77 4.51 6.66 -1.73
N GLY E 78 5.75 6.29 -1.45
CA GLY E 78 6.03 5.18 -0.56
C GLY E 78 6.19 3.85 -1.29
N SER E 79 6.02 2.78 -0.54
CA SER E 79 6.25 1.40 -0.99
C SER E 79 7.71 1.29 -1.48
N THR E 80 7.94 0.44 -2.46
CA THR E 80 9.26 0.17 -3.01
C THR E 80 9.23 0.43 -4.51
N PRO E 81 10.40 0.68 -5.12
CA PRO E 81 10.43 0.79 -6.59
C PRO E 81 9.92 -0.45 -7.30
N GLU E 82 10.18 -1.64 -6.76
CA GLU E 82 9.67 -2.87 -7.38
C GLU E 82 8.15 -2.92 -7.33
N PHE E 83 7.55 -2.42 -6.25
CA PHE E 83 6.09 -2.39 -6.16
C PHE E 83 5.48 -1.66 -7.34
N TRP E 84 5.96 -0.44 -7.61
CA TRP E 84 5.34 0.36 -8.66
C TRP E 84 5.69 -0.17 -10.05
N LEU E 85 6.86 -0.79 -10.20
CA LEU E 85 7.23 -1.30 -11.51
C LEU E 85 6.47 -2.59 -11.87
N ARG E 86 6.06 -3.36 -10.86
CA ARG E 86 5.30 -4.57 -11.13
C ARG E 86 3.89 -4.27 -11.62
N LEU E 87 3.32 -3.12 -11.23
CA LEU E 87 2.03 -2.72 -11.76
C LEU E 87 2.09 -2.56 -13.28
N GLN E 88 3.21 -2.04 -13.77
CA GLN E 88 3.39 -1.87 -15.21
C GLN E 88 3.76 -3.18 -15.89
N SER E 89 4.57 -4.01 -15.23
CA SER E 89 4.94 -5.30 -15.80
C SER E 89 3.71 -6.18 -15.98
N ASN E 90 2.83 -6.21 -14.99
CA ASN E 90 1.62 -7.03 -15.11
C ASN E 90 0.67 -6.46 -16.16
N TYR E 91 0.57 -5.13 -16.25
CA TYR E 91 -0.25 -4.53 -17.29
C TYR E 91 0.22 -4.96 -18.66
N ASP E 92 1.53 -4.95 -18.89
CA ASP E 92 2.07 -5.35 -20.19
C ASP E 92 1.79 -6.82 -20.47
N LEU E 93 2.04 -7.68 -19.48
CA LEU E 93 1.85 -9.11 -19.71
C LEU E 93 0.38 -9.46 -19.92
N ARG E 94 -0.51 -8.89 -19.12
CA ARG E 94 -1.93 -9.19 -19.26
C ARG E 94 -2.48 -8.70 -20.60
N GLN E 95 -1.85 -7.70 -21.21
CA GLN E 95 -2.27 -7.23 -22.52
C GLN E 95 -1.59 -8.00 -23.65
N LEU E 96 -0.30 -8.29 -23.52
CA LEU E 96 0.39 -9.06 -24.55
C LEU E 96 -0.12 -10.50 -24.62
N GLU E 97 -0.35 -11.12 -23.46
CA GLU E 97 -1.08 -12.37 -23.45
C GLU E 97 -2.46 -12.16 -24.06
N ASN E 98 -2.95 -13.19 -24.75
CA ASN E 98 -4.16 -13.20 -25.59
C ASN E 98 -3.84 -12.56 -26.94
N GLN E 99 -2.64 -12.02 -27.14
CA GLN E 99 -2.20 -11.53 -28.44
C GLN E 99 -1.01 -12.29 -29.00
N ILE E 100 -0.08 -12.75 -28.15
CA ILE E 100 1.04 -13.56 -28.61
C ILE E 100 0.58 -15.01 -28.70
N ASP E 101 0.80 -15.62 -29.87
CA ASP E 101 0.39 -17.00 -30.10
C ASP E 101 1.56 -17.92 -29.77
N THR E 102 1.44 -18.70 -28.70
CA THR E 102 2.47 -19.62 -28.27
C THR E 102 2.10 -21.07 -28.52
N SER E 103 1.05 -21.34 -29.28
CA SER E 103 0.63 -22.70 -29.54
C SER E 103 1.65 -23.48 -30.36
N GLY E 104 2.50 -22.80 -31.13
CA GLY E 104 3.54 -23.45 -31.89
C GLY E 104 4.87 -23.58 -31.19
N ILE E 105 4.97 -23.12 -29.94
CA ILE E 105 6.22 -23.22 -29.19
C ILE E 105 6.34 -24.61 -28.59
N VAL E 106 7.57 -25.10 -28.47
CA VAL E 106 7.84 -26.43 -27.95
C VAL E 106 8.43 -26.29 -26.55
N LEU E 107 7.73 -26.83 -25.55
CA LEU E 107 8.23 -26.85 -24.19
C LEU E 107 9.29 -27.93 -24.05
N TYR E 108 10.52 -27.52 -23.74
CA TYR E 108 11.62 -28.45 -23.59
C TYR E 108 11.45 -29.29 -22.32
N GLY E 109 12.38 -30.20 -22.10
CA GLY E 109 12.34 -31.07 -20.94
C GLY E 109 13.69 -31.67 -20.57
N LYS F 22 26.78 -9.01 -6.92
CA LYS F 22 26.64 -8.46 -8.27
C LYS F 22 25.42 -9.03 -8.98
N VAL F 23 25.09 -8.43 -10.11
CA VAL F 23 23.93 -8.88 -10.88
C VAL F 23 24.27 -9.04 -12.36
N SER F 24 24.05 -10.24 -12.90
CA SER F 24 24.35 -10.53 -14.29
C SER F 24 23.09 -10.50 -15.14
N HIS F 25 23.30 -10.38 -16.46
CA HIS F 25 22.20 -10.28 -17.41
C HIS F 25 21.31 -11.52 -17.33
N PRO F 26 20.01 -11.37 -17.59
CA PRO F 26 19.13 -12.55 -17.63
C PRO F 26 19.48 -13.52 -18.75
N GLY F 27 20.25 -13.08 -19.75
CA GLY F 27 20.61 -13.97 -20.83
C GLY F 27 21.54 -15.09 -20.41
N GLU F 28 22.35 -14.86 -19.38
CA GLU F 28 23.24 -15.91 -18.89
C GLU F 28 22.46 -17.09 -18.35
N MET F 29 21.30 -16.84 -17.73
CA MET F 29 20.48 -17.95 -17.25
C MET F 29 19.87 -18.72 -18.41
N ILE F 30 19.40 -18.01 -19.43
CA ILE F 30 18.88 -18.68 -20.63
C ILE F 30 20.00 -19.43 -21.32
N ALA F 31 21.20 -18.84 -21.37
CA ALA F 31 22.34 -19.49 -22.02
C ALA F 31 22.66 -20.81 -21.34
N ARG F 32 22.74 -20.81 -20.00
CA ARG F 32 23.03 -22.06 -19.29
C ARG F 32 21.91 -23.07 -19.48
N ASP F 33 20.66 -22.60 -19.61
CA ASP F 33 19.57 -23.53 -19.86
C ASP F 33 19.62 -24.12 -21.26
N LEU F 34 20.14 -23.37 -22.23
CA LEU F 34 20.23 -23.92 -23.59
C LEU F 34 21.41 -24.87 -23.74
N GLU F 35 22.47 -24.68 -22.93
CA GLU F 35 23.62 -25.58 -23.03
C GLU F 35 23.35 -26.90 -22.32
N ASP F 36 22.65 -26.86 -21.19
CA ASP F 36 22.32 -28.09 -20.46
C ASP F 36 21.41 -29.00 -21.27
N MET F 37 20.72 -28.46 -22.28
CA MET F 37 19.80 -29.25 -23.09
C MET F 37 20.36 -29.61 -24.46
N GLY F 38 21.44 -28.95 -24.89
CA GLY F 38 21.98 -29.15 -26.22
C GLY F 38 21.33 -28.30 -27.29
N VAL F 39 20.38 -27.45 -26.94
CA VAL F 39 19.69 -26.61 -27.91
C VAL F 39 20.56 -25.41 -28.25
N SER F 40 20.77 -25.17 -29.54
CA SER F 40 21.58 -24.04 -29.95
C SER F 40 20.74 -22.77 -30.00
N GLY F 41 21.42 -21.64 -30.24
CA GLY F 41 20.71 -20.38 -30.35
C GLY F 41 19.77 -20.32 -31.54
N ARG F 42 20.13 -21.00 -32.64
CA ARG F 42 19.29 -20.93 -33.83
C ARG F 42 18.00 -21.73 -33.67
N ARG F 43 18.10 -22.96 -33.13
CA ARG F 43 16.86 -23.70 -32.90
C ARG F 43 16.02 -23.06 -31.82
N PHE F 44 16.65 -22.43 -30.81
CA PHE F 44 15.89 -21.67 -29.83
C PHE F 44 15.16 -20.50 -30.49
N ALA F 45 15.83 -19.82 -31.42
CA ALA F 45 15.20 -18.71 -32.13
C ALA F 45 14.03 -19.19 -32.98
N HIS F 46 14.25 -20.23 -33.79
CA HIS F 46 13.19 -20.77 -34.63
C HIS F 46 12.04 -21.32 -33.81
N ASN F 47 12.32 -21.80 -32.61
CA ASN F 47 11.27 -22.35 -31.75
C ASN F 47 10.34 -21.24 -31.26
N ILE F 48 10.91 -20.22 -30.61
CA ILE F 48 10.09 -19.20 -29.95
C ILE F 48 9.56 -18.15 -30.92
N GLY F 49 9.98 -18.17 -32.18
CA GLY F 49 9.39 -17.29 -33.18
C GLY F 49 10.12 -15.98 -33.40
N VAL F 50 11.43 -15.93 -33.19
CA VAL F 50 12.22 -14.72 -33.37
C VAL F 50 13.48 -15.09 -34.13
N THR F 51 14.14 -14.07 -34.69
CA THR F 51 15.35 -14.31 -35.48
C THR F 51 16.55 -14.59 -34.57
N PRO F 52 17.52 -15.37 -35.06
CA PRO F 52 18.71 -15.64 -34.23
C PRO F 52 19.52 -14.41 -33.86
N ALA F 53 19.34 -13.29 -34.57
CA ALA F 53 20.01 -12.06 -34.18
C ALA F 53 19.52 -11.59 -32.81
N THR F 54 18.20 -11.65 -32.60
CA THR F 54 17.63 -11.24 -31.31
C THR F 54 18.09 -12.16 -30.19
N VAL F 55 18.10 -13.47 -30.42
CA VAL F 55 18.51 -14.42 -29.40
C VAL F 55 19.97 -14.19 -29.04
N SER F 56 20.81 -13.92 -30.04
CA SER F 56 22.22 -13.64 -29.76
C SER F 56 22.38 -12.39 -28.91
N ARG F 57 21.65 -11.33 -29.22
CA ARG F 57 21.73 -10.11 -28.45
C ARG F 57 21.13 -10.32 -27.08
N LEU F 58 20.04 -11.02 -27.02
CA LEU F 58 19.45 -11.27 -25.72
C LEU F 58 20.44 -11.96 -24.79
N LEU F 59 21.11 -13.01 -25.28
CA LEU F 59 21.99 -13.78 -24.42
C LEU F 59 23.23 -12.97 -24.03
N ALA F 60 23.84 -12.28 -25.00
CA ALA F 60 25.04 -11.51 -24.71
C ALA F 60 24.76 -10.37 -23.73
N GLY F 61 23.54 -9.83 -23.74
CA GLY F 61 23.18 -8.75 -22.86
C GLY F 61 23.07 -7.39 -23.51
N LYS F 62 23.12 -7.34 -24.84
CA LYS F 62 23.03 -6.08 -25.57
C LYS F 62 21.61 -5.53 -25.48
N THR F 63 20.64 -6.40 -25.74
CA THR F 63 19.23 -6.04 -25.69
C THR F 63 18.59 -6.63 -24.45
N ALA F 64 17.47 -6.04 -24.05
CA ALA F 64 16.79 -6.42 -22.82
C ALA F 64 15.74 -7.50 -23.09
N LEU F 65 15.37 -8.20 -22.02
CA LEU F 65 14.33 -9.23 -22.08
C LEU F 65 12.98 -8.52 -22.01
N THR F 66 12.37 -8.30 -23.18
CA THR F 66 11.11 -7.58 -23.23
C THR F 66 9.96 -8.46 -22.73
N PRO F 67 8.82 -7.85 -22.39
CA PRO F 67 7.67 -8.66 -21.99
C PRO F 67 7.18 -9.60 -23.08
N SER F 68 7.32 -9.22 -24.35
CA SER F 68 6.94 -10.13 -25.42
C SER F 68 7.87 -11.34 -25.46
N LEU F 69 9.16 -11.13 -25.25
CA LEU F 69 10.08 -12.26 -25.18
C LEU F 69 9.82 -13.11 -23.94
N SER F 70 9.40 -12.48 -22.83
CA SER F 70 9.18 -13.24 -21.61
C SER F 70 8.06 -14.26 -21.76
N ILE F 71 7.09 -13.98 -22.63
CA ILE F 71 6.02 -14.95 -22.88
C ILE F 71 6.50 -16.06 -23.79
N ARG F 72 7.27 -15.70 -24.84
CA ARG F 72 7.81 -16.70 -25.74
C ARG F 72 8.84 -17.58 -25.04
N ILE F 73 9.67 -16.98 -24.19
CA ILE F 73 10.64 -17.75 -23.43
C ILE F 73 9.94 -18.67 -22.44
N ALA F 74 8.84 -18.20 -21.84
CA ALA F 74 8.13 -19.00 -20.85
C ALA F 74 7.59 -20.30 -21.46
N ALA F 75 7.18 -20.23 -22.73
CA ALA F 75 6.57 -21.41 -23.36
C ALA F 75 7.62 -22.47 -23.70
N ALA F 76 8.87 -22.05 -23.92
CA ALA F 76 9.93 -23.00 -24.26
C ALA F 76 10.72 -23.46 -23.04
N LEU F 77 11.04 -22.55 -22.12
CA LEU F 77 11.88 -22.87 -20.98
C LEU F 77 11.10 -23.14 -19.69
N GLY F 78 9.78 -23.01 -19.72
CA GLY F 78 8.99 -23.55 -18.61
C GLY F 78 8.17 -22.59 -17.77
N SER F 79 8.84 -21.74 -17.00
CA SER F 79 8.19 -21.01 -15.91
C SER F 79 7.24 -19.94 -16.45
N THR F 80 6.77 -19.09 -15.54
CA THR F 80 5.80 -18.06 -15.90
C THR F 80 6.49 -16.91 -16.65
N PRO F 81 5.75 -16.18 -17.49
CA PRO F 81 6.32 -14.98 -18.11
C PRO F 81 6.72 -13.93 -17.09
N GLU F 82 6.07 -13.90 -15.93
CA GLU F 82 6.45 -12.98 -14.87
C GLU F 82 7.86 -13.28 -14.37
N PHE F 83 8.23 -14.56 -14.30
CA PHE F 83 9.55 -14.93 -13.79
C PHE F 83 10.66 -14.37 -14.65
N TRP F 84 10.56 -14.54 -15.97
CA TRP F 84 11.64 -14.11 -16.85
C TRP F 84 11.71 -12.60 -16.98
N LEU F 85 10.53 -11.95 -17.06
CA LEU F 85 10.51 -10.49 -17.13
C LEU F 85 11.01 -9.86 -15.84
N ARG F 86 10.76 -10.50 -14.70
CA ARG F 86 11.17 -9.95 -13.42
C ARG F 86 12.69 -9.98 -13.26
N LEU F 87 13.37 -10.90 -13.97
CA LEU F 87 14.83 -10.89 -13.96
C LEU F 87 15.37 -9.63 -14.62
N GLN F 88 14.70 -9.15 -15.68
CA GLN F 88 15.12 -7.94 -16.35
C GLN F 88 14.74 -6.69 -15.56
N SER F 89 13.60 -6.71 -14.87
CA SER F 89 13.20 -5.57 -14.06
C SER F 89 14.17 -5.34 -12.91
N ASN F 90 14.63 -6.43 -12.28
CA ASN F 90 15.61 -6.28 -11.20
C ASN F 90 16.97 -5.89 -11.73
N TYR F 91 17.27 -6.24 -12.98
CA TYR F 91 18.51 -5.77 -13.60
C TYR F 91 18.48 -4.26 -13.79
N ASP F 92 17.38 -3.73 -14.33
CA ASP F 92 17.28 -2.30 -14.57
C ASP F 92 17.34 -1.52 -13.26
N LEU F 93 16.61 -1.97 -12.24
CA LEU F 93 16.59 -1.24 -10.97
C LEU F 93 17.94 -1.27 -10.28
N ARG F 94 18.64 -2.41 -10.35
CA ARG F 94 19.97 -2.50 -9.77
C ARG F 94 20.97 -1.60 -10.49
N GLN F 95 20.76 -1.38 -11.79
CA GLN F 95 21.66 -0.52 -12.56
C GLN F 95 21.33 0.96 -12.41
N LEU F 96 20.10 1.31 -12.02
CA LEU F 96 19.68 2.69 -11.87
C LEU F 96 19.80 3.23 -10.45
N GLU F 97 20.28 2.42 -9.50
CA GLU F 97 20.29 2.86 -8.12
C GLU F 97 21.34 3.95 -7.87
N ASN F 98 22.45 3.93 -8.60
CA ASN F 98 23.52 4.92 -8.43
C ASN F 98 23.47 6.00 -9.50
N GLN F 99 22.29 6.30 -10.04
CA GLN F 99 22.17 7.33 -11.07
C GLN F 99 21.11 8.36 -10.73
N ILE F 100 20.05 7.94 -10.05
CA ILE F 100 18.89 8.79 -9.79
C ILE F 100 18.95 9.29 -8.35
N ASP F 101 19.03 10.61 -8.20
CA ASP F 101 19.08 11.23 -6.88
C ASP F 101 17.66 11.42 -6.35
N THR F 102 17.37 10.83 -5.20
CA THR F 102 16.08 10.99 -4.53
C THR F 102 16.20 11.74 -3.21
N SER F 103 17.30 12.49 -3.02
CA SER F 103 17.51 13.21 -1.76
C SER F 103 16.50 14.35 -1.59
N GLY F 104 16.25 15.10 -2.66
CA GLY F 104 15.33 16.22 -2.59
C GLY F 104 13.91 15.87 -2.99
N ILE F 105 13.49 14.64 -2.71
CA ILE F 105 12.12 14.20 -2.96
C ILE F 105 11.46 13.97 -1.60
N VAL F 106 10.29 14.57 -1.40
CA VAL F 106 9.58 14.53 -0.13
C VAL F 106 8.60 13.37 -0.14
N LEU F 107 8.57 12.61 0.95
CA LEU F 107 7.65 11.49 1.11
C LEU F 107 6.35 12.01 1.74
N TYR F 108 5.26 11.94 0.99
CA TYR F 108 3.96 12.41 1.43
C TYR F 108 3.42 11.50 2.54
N GLY F 109 2.14 11.63 2.85
CA GLY F 109 1.48 10.71 3.76
C GLY F 109 0.89 11.34 5.00
N GLU F 110 1.60 12.30 5.59
CA GLU F 110 1.18 12.92 6.84
C GLU F 110 -0.23 13.52 6.74
N SER F 111 -0.49 14.25 5.66
CA SER F 111 -1.69 15.09 5.54
C SER F 111 -1.83 16.02 6.73
N ASN F 112 -0.70 16.54 7.20
CA ASN F 112 -0.69 17.55 8.26
C ASN F 112 0.32 18.66 7.96
N VAL I 23 -10.45 7.26 24.96
CA VAL I 23 -9.79 7.57 23.70
C VAL I 23 -10.41 8.82 23.08
N SER I 24 -9.62 9.50 22.25
CA SER I 24 -10.04 10.77 21.69
C SER I 24 -11.18 10.58 20.68
N HIS I 25 -11.94 11.66 20.49
CA HIS I 25 -13.13 11.64 19.65
C HIS I 25 -13.39 13.06 19.17
N PRO I 26 -14.10 13.23 18.05
CA PRO I 26 -14.31 14.58 17.50
C PRO I 26 -15.07 15.51 18.44
N GLY I 27 -15.73 14.98 19.48
CA GLY I 27 -16.45 15.83 20.40
C GLY I 27 -15.55 16.75 21.21
N GLU I 28 -14.29 16.34 21.43
CA GLU I 28 -13.38 17.16 22.21
C GLU I 28 -13.05 18.46 21.47
N MET I 29 -12.91 18.39 20.14
CA MET I 29 -12.61 19.59 19.37
C MET I 29 -13.81 20.53 19.32
N ILE I 30 -15.02 19.99 19.37
CA ILE I 30 -16.21 20.84 19.41
C ILE I 30 -16.40 21.42 20.81
N ALA I 31 -16.02 20.68 21.85
CA ALA I 31 -16.16 21.18 23.21
C ALA I 31 -15.19 22.32 23.49
N ARG I 32 -13.92 22.16 23.10
CA ARG I 32 -12.93 23.19 23.33
C ARG I 32 -13.33 24.51 22.67
N ASP I 33 -13.99 24.44 21.52
CA ASP I 33 -14.43 25.66 20.85
C ASP I 33 -15.60 26.30 21.59
N LEU I 34 -16.51 25.49 22.12
CA LEU I 34 -17.64 26.05 22.86
C LEU I 34 -17.21 26.62 24.20
N GLU I 35 -16.10 26.13 24.77
CA GLU I 35 -15.61 26.67 26.03
C GLU I 35 -14.84 27.96 25.81
N ASP I 36 -14.27 28.16 24.62
CA ASP I 36 -13.52 29.36 24.29
C ASP I 36 -14.41 30.44 23.69
N MET I 37 -15.73 30.26 23.72
CA MET I 37 -16.66 31.28 23.27
C MET I 37 -17.74 31.61 24.29
N GLY I 38 -17.83 30.86 25.40
CA GLY I 38 -18.88 31.04 26.36
C GLY I 38 -20.20 30.38 26.00
N VAL I 39 -20.26 29.67 24.87
CA VAL I 39 -21.49 29.05 24.42
C VAL I 39 -21.66 27.70 25.11
N SER I 40 -22.86 27.46 25.65
CA SER I 40 -23.15 26.21 26.33
C SER I 40 -23.75 25.20 25.36
N GLY I 41 -23.95 23.98 25.86
CA GLY I 41 -24.44 22.90 25.01
C GLY I 41 -25.86 23.12 24.52
N ARG I 42 -26.71 23.73 25.35
CA ARG I 42 -28.09 23.98 24.92
C ARG I 42 -28.14 25.09 23.89
N ARG I 43 -27.36 26.15 24.10
CA ARG I 43 -27.28 27.23 23.12
C ARG I 43 -26.77 26.72 21.77
N PHE I 44 -25.74 25.87 21.80
CA PHE I 44 -25.22 25.33 20.55
C PHE I 44 -26.21 24.38 19.89
N ALA I 45 -26.99 23.64 20.68
CA ALA I 45 -28.03 22.78 20.11
C ALA I 45 -29.11 23.63 19.43
N HIS I 46 -29.56 24.69 20.10
CA HIS I 46 -30.59 25.55 19.52
C HIS I 46 -30.08 26.27 18.28
N ASN I 47 -28.78 26.57 18.22
CA ASN I 47 -28.23 27.28 17.07
C ASN I 47 -28.24 26.41 15.82
N ILE I 48 -27.73 25.18 15.94
CA ILE I 48 -27.58 24.33 14.76
C ILE I 48 -28.87 23.60 14.40
N GLY I 49 -29.78 23.40 15.36
CA GLY I 49 -31.07 22.83 15.08
C GLY I 49 -31.34 21.46 15.65
N VAL I 50 -30.53 20.98 16.60
CA VAL I 50 -30.77 19.68 17.23
C VAL I 50 -31.05 19.89 18.71
N THR I 51 -31.34 18.80 19.41
CA THR I 51 -31.60 18.87 20.84
C THR I 51 -30.30 18.84 21.63
N PRO I 52 -30.29 19.36 22.86
CA PRO I 52 -29.09 19.25 23.69
C PRO I 52 -28.68 17.82 23.97
N ALA I 53 -29.60 16.86 23.88
CA ALA I 53 -29.23 15.45 24.02
C ALA I 53 -28.30 15.03 22.89
N THR I 54 -28.57 15.50 21.67
CA THR I 54 -27.68 15.19 20.55
C THR I 54 -26.30 15.78 20.77
N VAL I 55 -26.23 17.00 21.30
CA VAL I 55 -24.94 17.63 21.56
C VAL I 55 -24.23 16.93 22.70
N SER I 56 -24.96 16.61 23.78
CA SER I 56 -24.34 15.95 24.93
C SER I 56 -23.80 14.58 24.56
N ARG I 57 -24.43 13.90 23.62
CA ARG I 57 -23.91 12.61 23.22
C ARG I 57 -22.77 12.80 22.27
N LEU I 58 -22.89 13.76 21.41
CA LEU I 58 -21.80 14.01 20.46
C LEU I 58 -20.50 14.38 21.20
N LEU I 59 -20.59 15.29 22.16
CA LEU I 59 -19.38 15.77 22.83
C LEU I 59 -18.75 14.68 23.69
N ALA I 60 -19.58 13.90 24.39
CA ALA I 60 -19.04 12.83 25.22
C ALA I 60 -18.41 11.72 24.39
N GLY I 61 -18.85 11.56 23.15
CA GLY I 61 -18.38 10.48 22.30
C GLY I 61 -19.30 9.29 22.21
N LYS I 62 -20.51 9.38 22.75
CA LYS I 62 -21.44 8.25 22.70
C LYS I 62 -21.90 8.00 21.26
N THR I 63 -22.10 9.07 20.49
CA THR I 63 -22.57 8.98 19.12
C THR I 63 -21.53 9.59 18.17
N ALA I 64 -21.77 9.42 16.88
CA ALA I 64 -20.83 9.82 15.84
C ALA I 64 -21.26 11.12 15.17
N LEU I 65 -20.28 11.81 14.59
CA LEU I 65 -20.51 13.08 13.90
C LEU I 65 -21.01 12.76 12.50
N THR I 66 -22.33 12.73 12.33
CA THR I 66 -22.93 12.35 11.07
C THR I 66 -22.71 13.44 10.02
N PRO I 67 -22.91 13.12 8.74
CA PRO I 67 -22.80 14.17 7.70
C PRO I 67 -23.78 15.31 7.88
N SER I 68 -24.97 15.05 8.41
CA SER I 68 -25.92 16.14 8.64
C SER I 68 -25.40 17.10 9.70
N LEU I 69 -24.72 16.58 10.73
CA LEU I 69 -24.18 17.46 11.76
C LEU I 69 -22.99 18.26 11.23
N SER I 70 -22.16 17.66 10.37
CA SER I 70 -21.01 18.36 9.82
C SER I 70 -21.43 19.60 9.04
N ILE I 71 -22.61 19.56 8.42
CA ILE I 71 -23.12 20.73 7.71
C ILE I 71 -23.65 21.76 8.69
N ARG I 72 -24.29 21.29 9.77
CA ARG I 72 -24.79 22.19 10.81
C ARG I 72 -23.64 22.79 11.62
N ILE I 73 -22.63 21.99 11.92
CA ILE I 73 -21.48 22.49 12.68
C ILE I 73 -20.71 23.53 11.87
N ALA I 74 -20.47 23.24 10.60
CA ALA I 74 -19.73 24.17 9.74
C ALA I 74 -20.46 25.48 9.56
N ALA I 75 -21.78 25.50 9.76
CA ALA I 75 -22.53 26.73 9.65
C ALA I 75 -22.42 27.59 10.91
N ALA I 76 -22.14 26.96 12.05
CA ALA I 76 -21.99 27.66 13.32
C ALA I 76 -20.53 27.87 13.72
N LEU I 77 -19.71 26.81 13.66
CA LEU I 77 -18.29 26.93 13.97
C LEU I 77 -17.42 27.30 12.77
N GLY I 78 -18.02 27.44 11.59
CA GLY I 78 -17.23 27.73 10.42
C GLY I 78 -16.43 26.53 9.93
N SER I 79 -15.35 26.84 9.24
CA SER I 79 -14.50 25.84 8.57
C SER I 79 -15.37 25.15 7.51
N THR I 80 -15.02 23.92 7.12
CA THR I 80 -15.74 23.25 6.05
C THR I 80 -16.48 22.03 6.56
N PRO I 81 -17.60 21.65 5.94
CA PRO I 81 -18.26 20.41 6.34
C PRO I 81 -17.40 19.17 6.11
N GLU I 82 -16.60 19.15 5.05
CA GLU I 82 -15.65 18.05 4.84
C GLU I 82 -14.75 17.89 6.07
N PHE I 83 -14.21 19.01 6.57
CA PHE I 83 -13.30 18.98 7.70
C PHE I 83 -13.88 18.22 8.89
N TRP I 84 -15.17 18.39 9.15
CA TRP I 84 -15.75 17.79 10.35
C TRP I 84 -16.09 16.32 10.18
N LEU I 85 -16.29 15.84 8.95
CA LEU I 85 -16.51 14.41 8.75
C LEU I 85 -15.22 13.61 8.86
N ARG I 86 -14.14 14.09 8.24
CA ARG I 86 -12.90 13.32 8.26
C ARG I 86 -12.37 13.11 9.66
N LEU I 87 -12.75 13.97 10.62
CA LEU I 87 -12.51 13.67 12.03
C LEU I 87 -13.21 12.37 12.43
N GLN I 88 -14.47 12.20 11.99
CA GLN I 88 -15.19 10.97 12.30
C GLN I 88 -14.77 9.82 11.40
N SER I 89 -14.35 10.12 10.17
CA SER I 89 -13.89 9.09 9.26
C SER I 89 -12.58 8.47 9.75
N ASN I 90 -11.60 9.31 10.11
CA ASN I 90 -10.36 8.79 10.68
C ASN I 90 -10.60 8.13 12.02
N TYR I 91 -11.66 8.53 12.73
CA TYR I 91 -12.00 7.87 13.99
C TYR I 91 -12.51 6.45 13.74
N ASP I 92 -13.42 6.28 12.78
CA ASP I 92 -13.96 4.96 12.50
C ASP I 92 -12.89 4.03 11.94
N LEU I 93 -12.11 4.51 10.97
CA LEU I 93 -11.05 3.68 10.41
C LEU I 93 -10.01 3.29 11.45
N ARG I 94 -9.78 4.14 12.45
CA ARG I 94 -8.85 3.81 13.51
C ARG I 94 -9.43 2.81 14.49
N GLN I 95 -10.76 2.70 14.58
CA GLN I 95 -11.39 1.68 15.41
C GLN I 95 -11.32 0.32 14.73
N LEU I 96 -11.69 0.24 13.46
CA LEU I 96 -11.74 -1.00 12.70
C LEU I 96 -10.38 -1.52 12.28
N GLU I 97 -9.28 -0.88 12.71
CA GLU I 97 -7.96 -1.31 12.27
C GLU I 97 -7.66 -2.73 12.72
N ASN I 98 -8.10 -3.10 13.92
CA ASN I 98 -7.87 -4.40 14.51
C ASN I 98 -9.15 -5.25 14.51
N GLN I 99 -9.96 -5.12 13.47
CA GLN I 99 -11.22 -5.86 13.41
C GLN I 99 -11.51 -6.51 12.06
N ILE I 100 -10.74 -6.23 11.01
CA ILE I 100 -11.00 -6.76 9.68
C ILE I 100 -9.74 -7.38 9.13
N ASP I 101 -9.78 -8.69 8.86
CA ASP I 101 -8.61 -9.42 8.40
C ASP I 101 -8.50 -9.29 6.89
N THR I 102 -7.51 -8.50 6.44
CA THR I 102 -7.25 -8.31 5.02
C THR I 102 -6.12 -9.18 4.51
N SER I 103 -5.76 -10.24 5.26
CA SER I 103 -4.68 -11.12 4.83
C SER I 103 -5.08 -11.94 3.63
N GLY I 104 -6.34 -12.38 3.58
CA GLY I 104 -6.81 -13.23 2.50
C GLY I 104 -7.31 -12.48 1.28
N ILE I 105 -7.00 -11.19 1.20
CA ILE I 105 -7.43 -10.36 0.08
C ILE I 105 -6.26 -10.21 -0.88
N VAL I 106 -6.55 -10.43 -2.17
CA VAL I 106 -5.54 -10.34 -3.22
C VAL I 106 -5.60 -8.96 -3.85
N LEU I 107 -4.47 -8.25 -3.82
CA LEU I 107 -4.34 -6.97 -4.50
C LEU I 107 -4.18 -7.21 -6.00
N TYR I 108 -5.21 -6.86 -6.77
CA TYR I 108 -5.10 -6.92 -8.22
C TYR I 108 -4.00 -5.97 -8.69
N GLY I 109 -3.32 -6.36 -9.76
CA GLY I 109 -2.22 -5.55 -10.26
C GLY I 109 -0.87 -6.03 -9.76
N GLU I 110 -0.81 -6.43 -8.49
CA GLU I 110 0.39 -7.04 -7.93
C GLU I 110 0.38 -8.55 -8.01
N SER I 111 -0.79 -9.16 -8.21
CA SER I 111 -0.91 -10.61 -8.22
C SER I 111 -0.31 -11.17 -9.51
N ASN I 112 0.65 -12.08 -9.37
CA ASN I 112 1.23 -12.80 -10.49
C ASN I 112 0.34 -13.93 -10.99
N GLU I 113 -0.89 -14.01 -10.49
CA GLU I 113 -1.92 -14.95 -10.93
C GLU I 113 -1.45 -16.39 -10.78
N SER J 24 -20.97 10.38 -9.64
CA SER J 24 -22.09 10.10 -8.75
C SER J 24 -21.67 9.20 -7.59
N HIS J 25 -22.32 8.02 -7.49
CA HIS J 25 -22.07 7.07 -6.43
C HIS J 25 -20.72 6.36 -6.59
N PRO J 26 -20.08 6.00 -5.48
CA PRO J 26 -18.74 5.39 -5.57
C PRO J 26 -18.74 4.04 -6.26
N GLY J 27 -19.84 3.28 -6.17
CA GLY J 27 -19.92 2.01 -6.87
C GLY J 27 -19.81 2.14 -8.38
N GLU J 28 -20.11 3.33 -8.92
CA GLU J 28 -19.94 3.55 -10.35
C GLU J 28 -18.47 3.52 -10.74
N MET J 29 -17.57 3.84 -9.81
CA MET J 29 -16.14 3.82 -10.09
C MET J 29 -15.57 2.41 -9.93
N ILE J 30 -16.06 1.65 -8.95
CA ILE J 30 -15.57 0.30 -8.72
C ILE J 30 -16.03 -0.63 -9.84
N ALA J 31 -17.26 -0.44 -10.33
CA ALA J 31 -17.74 -1.24 -11.45
C ALA J 31 -16.89 -1.00 -12.69
N ARG J 32 -16.37 0.22 -12.86
CA ARG J 32 -15.52 0.52 -14.00
C ARG J 32 -14.19 -0.22 -13.92
N ASP J 33 -13.69 -0.49 -12.71
CA ASP J 33 -12.46 -1.26 -12.59
C ASP J 33 -12.70 -2.74 -12.85
N LEU J 34 -13.75 -3.31 -12.26
CA LEU J 34 -13.99 -4.74 -12.41
C LEU J 34 -14.28 -5.10 -13.86
N GLU J 35 -15.04 -4.26 -14.56
CA GLU J 35 -15.40 -4.50 -15.95
C GLU J 35 -14.26 -4.22 -16.91
N ASP J 36 -13.24 -3.48 -16.47
CA ASP J 36 -11.99 -3.37 -17.21
C ASP J 36 -11.02 -4.49 -16.89
N MET J 37 -11.17 -5.15 -15.74
CA MET J 37 -10.33 -6.28 -15.37
C MET J 37 -10.93 -7.63 -15.73
N GLY J 38 -12.20 -7.67 -16.10
CA GLY J 38 -12.86 -8.95 -16.32
C GLY J 38 -13.15 -9.71 -15.04
N VAL J 39 -13.25 -9.03 -13.91
CA VAL J 39 -13.56 -9.66 -12.63
C VAL J 39 -15.04 -9.46 -12.36
N SER J 40 -15.77 -10.57 -12.22
CA SER J 40 -17.19 -10.49 -11.91
C SER J 40 -17.39 -9.97 -10.49
N GLY J 41 -18.59 -9.43 -10.26
CA GLY J 41 -18.95 -9.02 -8.91
C GLY J 41 -19.00 -10.17 -7.92
N ARG J 42 -19.21 -11.39 -8.41
CA ARG J 42 -19.22 -12.56 -7.53
C ARG J 42 -17.80 -12.91 -7.07
N ARG J 43 -16.84 -12.88 -8.00
CA ARG J 43 -15.45 -13.09 -7.62
C ARG J 43 -14.93 -11.99 -6.72
N PHE J 44 -15.21 -10.73 -7.07
CA PHE J 44 -14.77 -9.61 -6.25
C PHE J 44 -15.31 -9.72 -4.83
N ALA J 45 -16.55 -10.21 -4.69
CA ALA J 45 -17.11 -10.40 -3.36
C ALA J 45 -16.35 -11.47 -2.59
N HIS J 46 -16.02 -12.59 -3.23
CA HIS J 46 -15.27 -13.64 -2.56
C HIS J 46 -13.88 -13.18 -2.17
N ASN J 47 -13.31 -12.23 -2.91
CA ASN J 47 -11.96 -11.77 -2.62
C ASN J 47 -11.93 -10.90 -1.37
N ILE J 48 -12.80 -9.89 -1.31
CA ILE J 48 -12.75 -8.93 -0.21
C ILE J 48 -13.44 -9.40 1.05
N GLY J 49 -14.19 -10.50 0.98
CA GLY J 49 -14.79 -11.11 2.15
C GLY J 49 -16.22 -10.71 2.46
N VAL J 50 -17.01 -10.35 1.45
CA VAL J 50 -18.44 -10.06 1.64
C VAL J 50 -19.22 -10.90 0.63
N THR J 51 -20.53 -11.00 0.86
CA THR J 51 -21.38 -11.76 -0.03
C THR J 51 -21.62 -10.98 -1.32
N PRO J 52 -21.94 -11.68 -2.42
CA PRO J 52 -22.25 -10.99 -3.68
C PRO J 52 -23.43 -10.04 -3.60
N ALA J 53 -24.24 -10.13 -2.53
CA ALA J 53 -25.35 -9.18 -2.39
C ALA J 53 -24.83 -7.79 -2.02
N THR J 54 -23.84 -7.72 -1.13
CA THR J 54 -23.30 -6.43 -0.74
C THR J 54 -22.58 -5.74 -1.90
N VAL J 55 -21.79 -6.49 -2.67
CA VAL J 55 -21.12 -5.93 -3.83
C VAL J 55 -22.13 -5.43 -4.85
N SER J 56 -23.21 -6.20 -5.05
CA SER J 56 -24.25 -5.78 -5.99
C SER J 56 -24.90 -4.48 -5.53
N ARG J 57 -25.32 -4.45 -4.27
CA ARG J 57 -25.95 -3.28 -3.71
C ARG J 57 -24.98 -2.09 -3.70
N LEU J 58 -23.72 -2.37 -3.45
CA LEU J 58 -22.72 -1.31 -3.43
C LEU J 58 -22.57 -0.68 -4.81
N LEU J 59 -22.45 -1.51 -5.86
CA LEU J 59 -22.21 -0.98 -7.19
C LEU J 59 -23.43 -0.23 -7.72
N ALA J 60 -24.63 -0.75 -7.46
CA ALA J 60 -25.84 -0.07 -7.87
C ALA J 60 -26.09 1.22 -7.09
N GLY J 61 -25.34 1.46 -6.02
CA GLY J 61 -25.51 2.67 -5.26
C GLY J 61 -26.66 2.65 -4.27
N LYS J 62 -27.20 1.47 -3.95
CA LYS J 62 -28.30 1.41 -3.00
C LYS J 62 -27.80 1.37 -1.56
N THR J 63 -26.57 0.91 -1.32
CA THR J 63 -25.94 1.00 -0.02
C THR J 63 -24.72 1.91 -0.11
N ALA J 64 -24.21 2.29 1.05
CA ALA J 64 -23.08 3.20 1.14
C ALA J 64 -21.77 2.43 1.24
N LEU J 65 -20.67 3.12 0.96
CA LEU J 65 -19.34 2.54 1.07
C LEU J 65 -18.89 2.74 2.51
N THR J 66 -19.22 1.76 3.36
CA THR J 66 -18.96 1.89 4.79
C THR J 66 -17.46 1.95 5.07
N PRO J 67 -17.07 2.48 6.23
CA PRO J 67 -15.64 2.42 6.61
C PRO J 67 -15.08 1.02 6.61
N SER J 68 -15.91 0.01 6.89
CA SER J 68 -15.42 -1.36 6.86
C SER J 68 -15.12 -1.80 5.43
N LEU J 69 -15.99 -1.48 4.48
CA LEU J 69 -15.72 -1.80 3.08
C LEU J 69 -14.52 -1.01 2.56
N SER J 70 -14.36 0.25 3.00
CA SER J 70 -13.24 1.05 2.53
C SER J 70 -11.90 0.40 2.87
N ILE J 71 -11.85 -0.38 3.95
CA ILE J 71 -10.64 -1.13 4.28
C ILE J 71 -10.49 -2.33 3.36
N ARG J 72 -11.59 -3.05 3.12
CA ARG J 72 -11.54 -4.22 2.24
C ARG J 72 -11.28 -3.82 0.80
N ILE J 73 -11.98 -2.79 0.32
CA ILE J 73 -11.81 -2.34 -1.06
C ILE J 73 -10.38 -1.88 -1.31
N ALA J 74 -9.79 -1.19 -0.33
CA ALA J 74 -8.43 -0.68 -0.50
C ALA J 74 -7.41 -1.80 -0.62
N ALA J 75 -7.65 -2.94 0.05
CA ALA J 75 -6.74 -4.06 0.01
C ALA J 75 -6.77 -4.82 -1.31
N ALA J 76 -7.78 -4.59 -2.14
CA ALA J 76 -7.89 -5.23 -3.45
C ALA J 76 -7.67 -4.27 -4.61
N LEU J 77 -8.10 -3.02 -4.50
CA LEU J 77 -7.99 -2.08 -5.60
C LEU J 77 -6.80 -1.14 -5.47
N GLY J 78 -6.18 -1.04 -4.30
CA GLY J 78 -4.80 -0.61 -4.17
C GLY J 78 -4.58 0.63 -3.33
N SER J 79 -5.51 1.58 -3.35
CA SER J 79 -5.26 2.88 -2.75
C SER J 79 -5.42 2.81 -1.23
N THR J 80 -5.46 3.97 -0.58
CA THR J 80 -5.65 4.01 0.86
C THR J 80 -7.13 3.87 1.21
N PRO J 81 -7.44 3.30 2.37
CA PRO J 81 -8.85 3.24 2.79
C PRO J 81 -9.50 4.59 2.93
N GLU J 82 -8.72 5.64 3.22
CA GLU J 82 -9.28 6.98 3.33
C GLU J 82 -9.83 7.46 1.99
N PHE J 83 -9.16 7.10 0.89
CA PHE J 83 -9.63 7.52 -0.43
C PHE J 83 -11.03 7.02 -0.71
N TRP J 84 -11.27 5.72 -0.50
CA TRP J 84 -12.56 5.15 -0.86
C TRP J 84 -13.66 5.66 0.04
N LEU J 85 -13.37 5.81 1.33
CA LEU J 85 -14.35 6.36 2.26
C LEU J 85 -14.63 7.83 1.96
N ARG J 86 -13.68 8.54 1.36
CA ARG J 86 -13.89 9.94 1.00
C ARG J 86 -14.94 10.06 -0.10
N LEU J 87 -14.97 9.11 -1.03
CA LEU J 87 -15.96 9.15 -2.10
C LEU J 87 -17.37 9.13 -1.54
N GLN J 88 -17.59 8.34 -0.49
CA GLN J 88 -18.91 8.26 0.13
C GLN J 88 -19.18 9.47 1.00
N SER J 89 -18.14 10.07 1.59
CA SER J 89 -18.33 11.32 2.33
C SER J 89 -18.80 12.44 1.41
N ASN J 90 -18.15 12.58 0.26
CA ASN J 90 -18.56 13.60 -0.70
C ASN J 90 -19.93 13.29 -1.28
N TYR J 91 -20.25 12.02 -1.49
CA TYR J 91 -21.57 11.65 -1.99
C TYR J 91 -22.66 12.01 -0.99
N ASP J 92 -22.41 11.77 0.29
CA ASP J 92 -23.41 12.07 1.31
C ASP J 92 -23.58 13.58 1.50
N LEU J 93 -22.52 14.35 1.29
CA LEU J 93 -22.59 15.79 1.49
C LEU J 93 -23.28 16.50 0.33
N ARG J 94 -22.93 16.13 -0.91
CA ARG J 94 -23.55 16.79 -2.06
C ARG J 94 -25.06 16.58 -2.11
N GLN J 95 -25.56 15.54 -1.44
CA GLN J 95 -26.98 15.23 -1.41
C GLN J 95 -27.70 15.82 -0.20
N LEU J 96 -26.96 16.34 0.79
CA LEU J 96 -27.55 16.99 1.94
C LEU J 96 -27.33 18.50 1.98
N GLU J 97 -26.24 19.01 1.38
CA GLU J 97 -25.93 20.43 1.41
C GLU J 97 -26.93 21.27 0.61
N ASN J 98 -27.97 20.65 0.05
CA ASN J 98 -29.01 21.37 -0.67
C ASN J 98 -30.41 21.05 -0.15
N GLN J 99 -30.51 20.39 1.00
CA GLN J 99 -31.80 20.06 1.58
C GLN J 99 -31.88 20.39 3.07
N ILE J 100 -30.80 20.85 3.68
CA ILE J 100 -30.78 21.26 5.08
C ILE J 100 -30.73 22.78 5.10
N ASP J 101 -31.83 23.41 5.52
CA ASP J 101 -31.90 24.86 5.60
C ASP J 101 -30.88 25.37 6.62
N THR J 102 -29.92 26.16 6.15
CA THR J 102 -28.81 26.62 6.98
C THR J 102 -28.79 28.12 7.19
N SER J 103 -29.78 28.86 6.65
CA SER J 103 -29.79 30.31 6.81
C SER J 103 -30.10 30.74 8.24
N GLY J 104 -30.71 29.88 9.04
CA GLY J 104 -31.05 30.20 10.41
C GLY J 104 -29.96 29.95 11.44
N ILE J 105 -28.86 29.33 11.04
CA ILE J 105 -27.75 29.09 11.95
C ILE J 105 -26.88 30.33 12.03
N VAL J 106 -26.43 30.66 13.25
CA VAL J 106 -25.58 31.81 13.49
C VAL J 106 -24.12 31.37 13.44
N LEU J 107 -23.34 32.04 12.61
CA LEU J 107 -21.89 31.79 12.55
C LEU J 107 -21.22 32.51 13.71
N TYR J 108 -20.76 31.74 14.69
CA TYR J 108 -20.12 32.30 15.88
C TYR J 108 -18.85 33.08 15.53
N GLY J 109 -17.76 32.37 15.28
CA GLY J 109 -16.50 33.01 14.94
C GLY J 109 -15.50 32.99 16.08
#